data_1ELC
#
_entry.id   1ELC
#
_cell.length_a   51.200
_cell.length_b   58.000
_cell.length_c   75.460
_cell.angle_alpha   90.00
_cell.angle_beta   90.00
_cell.angle_gamma   90.00
#
_symmetry.space_group_name_H-M   'P 21 21 21'
#
loop_
_entity.id
_entity.type
_entity.pdbx_description
1 polymer ELASTASE
2 non-polymer 6-ammonio-N-(trifluoroacetyl)-L-norleucyl-N-[4-(1-methylethyl)phenyl]-L-phenylalaninamide
3 non-polymer 'CALCIUM ION'
4 water water
#
_entity_poly.entity_id   1
_entity_poly.type   'polypeptide(L)'
_entity_poly.pdbx_seq_one_letter_code
;VVGGTEAQRNSWPSQISLQYRSGSSWAHTCGGTLIRQNWVMTAAHCVDRELTFRVVVGEHNLNQNNGTEQYVGVQKIVVH
PYWNTDDVAAGYDIALLRLAQSVTLNSYVQLGVLPRAGTILANNSPCYITGWGLTRTNGQLAQTLQQAYLPTVDYAICSS
SSYWGSTVKNSMVCAGGDGVRSGCQGDSGGPLHCLVNGQYAVHGVTSFVSRLGCNVTRKPTVFTRVSAYISWINNVIASN
;
_entity_poly.pdbx_strand_id   A
#
loop_
_chem_comp.id
_chem_comp.type
_chem_comp.name
_chem_comp.formula
0Z3 peptide-like 6-ammonio-N-(trifluoroacetyl)-L-norleucyl-N-[4-(1-methylethyl)phenyl]-L-phenylalaninamide 'C26 H34 F3 N4 O3 1'
CA non-polymer 'CALCIUM ION' 'Ca 2'
#
# COMPACT_ATOMS: atom_id res chain seq x y z
N VAL A 1 -6.41 -7.24 -5.51
CA VAL A 1 -6.55 -8.19 -4.44
C VAL A 1 -7.26 -9.40 -5.07
N VAL A 2 -6.50 -10.52 -4.99
CA VAL A 2 -7.00 -11.81 -5.41
C VAL A 2 -7.57 -12.43 -4.13
N GLY A 3 -8.70 -13.12 -4.28
CA GLY A 3 -9.39 -13.76 -3.15
C GLY A 3 -9.84 -12.78 -2.07
N GLY A 4 -10.21 -11.58 -2.48
CA GLY A 4 -10.69 -10.58 -1.55
C GLY A 4 -12.20 -10.60 -1.36
N THR A 5 -12.66 -9.65 -0.54
CA THR A 5 -14.10 -9.46 -0.33
C THR A 5 -14.31 -7.99 -0.41
N GLU A 6 -15.54 -7.57 -0.66
CA GLU A 6 -15.79 -6.14 -0.76
C GLU A 6 -15.71 -5.55 0.62
N ALA A 7 -14.89 -4.49 0.74
CA ALA A 7 -14.74 -3.72 2.00
C ALA A 7 -16.02 -2.95 2.32
N GLN A 8 -16.45 -2.73 3.57
CA GLN A 8 -17.56 -1.79 3.79
C GLN A 8 -17.05 -0.38 3.46
N ARG A 9 -17.99 0.51 3.21
CA ARG A 9 -17.70 1.89 2.82
C ARG A 9 -16.80 2.75 3.71
N ASN A 10 -16.80 2.43 4.99
CA ASN A 10 -16.11 3.23 6.02
C ASN A 10 -15.04 2.47 6.77
N SER A 11 -14.71 1.27 6.31
CA SER A 11 -13.89 0.37 7.08
C SER A 11 -12.42 0.74 7.21
N TRP A 12 -11.93 1.28 6.07
CA TRP A 12 -10.51 1.59 5.91
C TRP A 12 -10.31 3.01 5.38
N PRO A 13 -10.60 4.05 6.14
CA PRO A 13 -10.67 5.43 5.64
C PRO A 13 -9.36 6.17 5.31
N SER A 14 -8.21 5.54 5.63
CA SER A 14 -6.89 6.09 5.31
C SER A 14 -6.41 5.64 3.93
N GLN A 15 -7.19 4.76 3.28
CA GLN A 15 -6.87 4.27 1.95
C GLN A 15 -7.09 5.31 0.89
N ILE A 16 -6.14 5.47 -0.03
CA ILE A 16 -6.35 6.42 -1.10
C ILE A 16 -6.11 5.69 -2.41
N SER A 17 -6.58 6.27 -3.51
CA SER A 17 -6.23 5.85 -4.82
C SER A 17 -5.38 6.96 -5.43
N LEU A 18 -4.24 6.47 -5.92
CA LEU A 18 -3.28 7.26 -6.68
C LEU A 18 -3.57 7.03 -8.16
N GLN A 19 -3.95 8.09 -8.85
CA GLN A 19 -4.30 8.03 -10.26
C GLN A 19 -3.41 8.92 -11.10
N TYR A 20 -3.24 8.55 -12.38
CA TYR A 20 -2.51 9.37 -13.33
C TYR A 20 -3.39 9.74 -14.49
N ARG A 21 -3.02 10.85 -15.10
CA ARG A 21 -3.79 11.39 -16.20
C ARG A 21 -3.55 10.64 -17.51
N SER A 22 -4.68 10.19 -18.04
CA SER A 22 -4.71 9.45 -19.29
C SER A 22 -5.70 10.14 -20.25
N GLY A 23 -5.22 10.89 -21.26
CA GLY A 23 -6.07 11.57 -22.25
C GLY A 23 -6.91 12.63 -21.56
N SER A 24 -8.25 12.53 -21.67
CA SER A 24 -9.09 13.44 -20.88
C SER A 24 -9.46 12.92 -19.49
N SER A 25 -9.28 11.59 -19.37
CA SER A 25 -9.57 10.82 -18.17
C SER A 25 -8.36 10.65 -17.25
N TRP A 26 -8.61 9.93 -16.14
CA TRP A 26 -7.70 9.65 -15.04
C TRP A 26 -7.75 8.18 -14.74
N ALA A 27 -6.64 7.43 -14.70
CA ALA A 27 -6.70 6.03 -14.32
C ALA A 27 -5.95 5.69 -13.02
N HIS A 28 -6.52 4.76 -12.24
CA HIS A 28 -5.91 4.23 -11.01
C HIS A 28 -4.61 3.43 -11.30
N THR A 29 -3.56 3.81 -10.59
CA THR A 29 -2.37 3.01 -10.72
C THR A 29 -1.90 2.25 -9.46
N CYS A 30 -2.16 2.88 -8.33
CA CYS A 30 -1.65 2.45 -7.06
C CYS A 30 -2.52 2.90 -5.89
N GLY A 31 -2.33 2.17 -4.79
CA GLY A 31 -2.88 2.61 -3.53
C GLY A 31 -1.92 3.56 -2.78
N GLY A 32 -2.38 3.98 -1.62
CA GLY A 32 -1.57 4.76 -0.69
C GLY A 32 -2.27 4.84 0.65
N THR A 33 -1.60 5.49 1.60
CA THR A 33 -2.15 5.77 2.93
C THR A 33 -2.03 7.25 3.27
N LEU A 34 -3.18 7.92 3.54
CA LEU A 34 -3.23 9.27 4.05
C LEU A 34 -2.60 9.28 5.45
N ILE A 35 -1.52 10.03 5.67
CA ILE A 35 -0.81 10.01 6.95
C ILE A 35 -0.85 11.34 7.65
N ARG A 36 -1.11 12.43 6.91
CA ARG A 36 -1.33 13.79 7.38
C ARG A 36 -2.44 14.33 6.47
N GLN A 37 -3.15 15.43 6.76
CA GLN A 37 -4.22 15.93 5.88
C GLN A 37 -3.67 16.38 4.53
N ASN A 38 -2.36 16.67 4.44
CA ASN A 38 -1.71 17.04 3.20
C ASN A 38 -0.54 16.12 2.84
N TRP A 39 -0.42 14.88 3.38
CA TRP A 39 0.66 13.94 2.99
C TRP A 39 0.18 12.49 2.84
N VAL A 40 0.62 11.83 1.77
CA VAL A 40 0.30 10.45 1.45
C VAL A 40 1.59 9.65 1.41
N MET A 41 1.56 8.44 2.01
CA MET A 41 2.62 7.46 1.92
C MET A 41 2.24 6.42 0.85
N THR A 42 3.07 6.16 -0.15
CA THR A 42 2.80 5.16 -1.14
C THR A 42 4.11 4.42 -1.45
N ALA A 43 4.24 3.52 -2.46
CA ALA A 43 5.53 2.92 -2.83
C ALA A 43 6.23 3.81 -3.87
N ALA A 44 7.55 3.94 -3.75
CA ALA A 44 8.35 4.69 -4.67
C ALA A 44 8.22 4.28 -6.12
N HIS A 45 8.02 2.96 -6.38
CA HIS A 45 7.91 2.45 -7.74
C HIS A 45 6.66 2.93 -8.43
N CYS A 46 5.65 3.35 -7.63
CA CYS A 46 4.45 3.87 -8.18
C CYS A 46 4.65 5.22 -8.87
N VAL A 47 5.62 6.04 -8.47
CA VAL A 47 5.84 7.33 -9.05
C VAL A 47 7.16 7.36 -9.80
N ASP A 48 7.66 6.25 -10.34
CA ASP A 48 8.90 6.34 -11.12
C ASP A 48 8.69 6.91 -12.52
N ARG A 49 7.46 6.81 -13.03
CA ARG A 49 7.16 7.46 -14.29
C ARG A 49 6.74 8.87 -13.96
N GLU A 50 7.11 9.73 -14.88
CA GLU A 50 6.88 11.12 -14.68
C GLU A 50 5.58 11.52 -15.32
N LEU A 51 4.55 11.12 -14.57
CA LEU A 51 3.16 11.30 -14.95
C LEU A 51 2.52 12.40 -14.16
N THR A 52 1.40 12.98 -14.61
CA THR A 52 0.63 13.87 -13.77
C THR A 52 -0.18 12.92 -12.85
N PHE A 53 -0.16 13.18 -11.53
CA PHE A 53 -0.84 12.34 -10.55
C PHE A 53 -1.82 13.16 -9.75
N ARG A 54 -2.88 12.44 -9.34
CA ARG A 54 -3.86 12.93 -8.38
C ARG A 54 -4.13 11.82 -7.38
N VAL A 55 -4.68 12.18 -6.22
CA VAL A 55 -5.01 11.34 -5.11
C VAL A 55 -6.50 11.54 -4.94
N VAL A 56 -7.17 10.44 -4.67
CA VAL A 56 -8.57 10.47 -4.33
C VAL A 56 -8.72 9.85 -2.95
N VAL A 57 -9.17 10.66 -2.00
CA VAL A 57 -9.50 10.21 -0.64
C VAL A 57 -11.02 10.04 -0.60
N GLY A 58 -11.51 9.21 0.30
CA GLY A 58 -12.94 8.91 0.44
C GLY A 58 -13.48 8.10 -0.70
N GLU A 59 -12.62 7.51 -1.54
CA GLU A 59 -13.03 6.72 -2.70
C GLU A 59 -13.55 5.31 -2.34
N HIS A 60 -14.65 4.80 -2.98
CA HIS A 60 -15.04 3.40 -2.77
C HIS A 60 -15.14 2.60 -4.07
N ASN A 61 -15.98 3.13 -4.97
CA ASN A 61 -16.24 2.51 -6.25
C ASN A 61 -15.49 3.38 -7.23
N LEU A 62 -14.41 2.94 -7.88
CA LEU A 62 -13.71 3.72 -8.89
C LEU A 62 -14.53 4.29 -10.03
N ASN A 63 -15.50 3.52 -10.48
CA ASN A 63 -16.22 3.84 -11.69
C ASN A 63 -17.57 4.47 -11.44
N GLN A 64 -17.79 4.99 -10.20
CA GLN A 64 -19.09 5.50 -9.79
C GLN A 64 -19.05 6.58 -8.73
N ASN A 65 -19.81 7.67 -8.84
CA ASN A 65 -19.86 8.66 -7.76
C ASN A 65 -20.52 8.07 -6.48
N ASN A 66 -19.67 8.07 -5.47
CA ASN A 66 -19.99 7.59 -4.16
C ASN A 66 -20.64 8.63 -3.28
N GLY A 67 -20.42 9.90 -3.63
CA GLY A 67 -20.86 11.07 -2.88
C GLY A 67 -19.94 11.35 -1.69
N THR A 68 -18.72 10.79 -1.61
CA THR A 68 -17.81 10.92 -0.48
C THR A 68 -16.37 11.28 -0.87
N GLU A 69 -16.09 11.41 -2.19
CA GLU A 69 -14.75 11.67 -2.71
C GLU A 69 -14.27 13.10 -2.66
N GLN A 70 -12.95 13.23 -2.34
CA GLN A 70 -12.20 14.49 -2.49
C GLN A 70 -10.97 14.21 -3.38
N TYR A 71 -10.84 15.05 -4.41
CA TYR A 71 -9.78 15.02 -5.40
C TYR A 71 -8.76 16.10 -5.13
N VAL A 72 -7.50 15.69 -5.00
CA VAL A 72 -6.48 16.67 -4.73
C VAL A 72 -5.21 16.35 -5.52
N GLY A 73 -4.61 17.39 -6.12
CA GLY A 73 -3.39 17.26 -6.89
C GLY A 73 -2.16 16.97 -6.04
N VAL A 74 -1.17 16.25 -6.62
CA VAL A 74 0.14 16.04 -6.01
C VAL A 74 1.09 17.18 -6.38
N GLN A 75 1.52 17.81 -5.31
CA GLN A 75 2.46 18.89 -5.37
C GLN A 75 3.93 18.53 -5.32
N LYS A 76 4.35 17.58 -4.48
CA LYS A 76 5.79 17.32 -4.33
C LYS A 76 5.95 15.85 -4.06
N ILE A 77 6.83 15.16 -4.79
CA ILE A 77 7.16 13.76 -4.55
C ILE A 77 8.54 13.55 -3.89
N VAL A 78 8.62 13.08 -2.65
CA VAL A 78 9.90 12.74 -2.01
C VAL A 78 10.08 11.22 -2.02
N VAL A 79 10.89 10.65 -2.91
CA VAL A 79 11.13 9.20 -2.79
C VAL A 79 12.34 9.00 -1.90
N HIS A 80 12.43 7.74 -1.40
CA HIS A 80 13.48 7.38 -0.49
C HIS A 80 14.77 7.52 -1.25
N PRO A 81 15.76 8.30 -0.77
CA PRO A 81 17.05 8.54 -1.44
C PRO A 81 17.79 7.30 -1.92
N TYR A 82 17.52 6.16 -1.28
CA TYR A 82 18.17 4.91 -1.56
C TYR A 82 17.41 4.00 -2.51
N TRP A 83 16.16 4.32 -2.81
CA TRP A 83 15.35 3.59 -3.77
C TRP A 83 16.06 3.44 -5.11
N ASN A 84 16.06 2.19 -5.63
CA ASN A 84 16.54 2.00 -6.97
C ASN A 84 15.54 1.23 -7.82
N THR A 85 15.18 1.90 -8.93
CA THR A 85 14.18 1.40 -9.87
C THR A 85 14.46 0.04 -10.43
N ASP A 86 15.76 -0.23 -10.63
CA ASP A 86 16.27 -1.48 -11.12
C ASP A 86 16.50 -2.57 -10.10
N ASP A 87 16.18 -2.29 -8.84
CA ASP A 87 16.39 -3.24 -7.81
C ASP A 87 15.32 -3.03 -6.74
N VAL A 88 14.13 -3.57 -6.99
CA VAL A 88 13.09 -3.50 -5.95
C VAL A 88 13.43 -4.41 -4.75
N ALA A 89 14.18 -5.48 -4.95
CA ALA A 89 14.49 -6.42 -3.89
C ALA A 89 15.51 -5.83 -2.92
N ALA A 90 16.16 -4.71 -3.25
CA ALA A 90 16.98 -4.03 -2.29
C ALA A 90 16.21 -3.34 -1.16
N GLY A 91 14.94 -3.03 -1.42
CA GLY A 91 14.13 -2.29 -0.50
C GLY A 91 13.96 -0.85 -0.94
N TYR A 92 13.66 -0.07 0.11
CA TYR A 92 13.41 1.37 0.06
C TYR A 92 12.28 1.80 -0.81
N ASP A 93 11.33 0.90 -0.97
CA ASP A 93 10.22 1.17 -1.85
C ASP A 93 9.14 1.93 -1.10
N ILE A 94 9.43 3.21 -0.88
CA ILE A 94 8.54 4.09 -0.18
C ILE A 94 8.70 5.50 -0.68
N ALA A 95 7.60 6.18 -0.79
CA ALA A 95 7.64 7.58 -1.22
C ALA A 95 6.58 8.36 -0.47
N LEU A 96 6.77 9.69 -0.38
CA LEU A 96 5.82 10.54 0.32
C LEU A 96 5.42 11.59 -0.69
N LEU A 97 4.10 11.84 -0.78
CA LEU A 97 3.55 12.87 -1.63
C LEU A 97 2.86 13.96 -0.79
N ARG A 98 3.36 15.17 -1.04
CA ARG A 98 2.78 16.39 -0.54
C ARG A 98 1.60 16.76 -1.43
N LEU A 99 0.43 16.79 -0.84
CA LEU A 99 -0.76 17.25 -1.53
C LEU A 99 -0.86 18.77 -1.63
N ALA A 100 -1.48 19.17 -2.75
CA ALA A 100 -1.65 20.57 -3.10
C ALA A 100 -2.63 21.29 -2.18
N GLN A 101 -3.55 20.58 -1.51
CA GLN A 101 -4.50 21.17 -0.55
C GLN A 101 -4.62 20.21 0.64
N SER A 102 -5.01 20.65 1.84
CA SER A 102 -5.35 19.73 2.92
C SER A 102 -6.77 19.25 2.76
N VAL A 103 -6.92 17.92 2.79
CA VAL A 103 -8.18 17.24 2.73
C VAL A 103 -8.93 17.39 4.09
N THR A 104 -10.25 17.20 4.00
CA THR A 104 -11.14 17.31 5.14
C THR A 104 -11.45 15.92 5.70
N LEU A 105 -11.26 15.76 7.02
CA LEU A 105 -11.47 14.45 7.58
C LEU A 105 -12.90 14.21 8.07
N ASN A 106 -13.50 13.14 7.59
CA ASN A 106 -14.82 12.72 8.05
C ASN A 106 -14.88 11.20 8.25
N SER A 107 -15.97 10.45 8.47
CA SER A 107 -15.87 8.99 8.63
C SER A 107 -15.33 8.20 7.43
N TYR A 108 -15.18 8.83 6.26
CA TYR A 108 -14.61 8.24 5.06
C TYR A 108 -13.13 8.61 4.89
N VAL A 109 -12.67 9.71 5.50
CA VAL A 109 -11.31 10.20 5.30
C VAL A 109 -10.66 10.44 6.66
N GLN A 110 -9.73 9.57 6.92
CA GLN A 110 -9.01 9.56 8.20
C GLN A 110 -7.53 9.33 8.02
N LEU A 111 -6.73 9.74 9.01
CA LEU A 111 -5.32 9.43 8.87
C LEU A 111 -5.04 8.03 9.36
N GLY A 112 -4.07 7.38 8.76
CA GLY A 112 -3.66 6.06 9.14
C GLY A 112 -2.70 6.15 10.32
N VAL A 113 -2.86 5.19 11.22
CA VAL A 113 -1.99 5.17 12.38
C VAL A 113 -0.70 4.41 12.07
N LEU A 114 0.50 4.99 12.20
CA LEU A 114 1.74 4.29 11.97
C LEU A 114 2.24 3.54 13.19
N PRO A 115 2.91 2.39 13.03
CA PRO A 115 3.60 1.72 14.12
C PRO A 115 4.77 2.48 14.74
N ARG A 116 5.08 2.09 15.98
CA ARG A 116 6.21 2.65 16.70
C ARG A 116 7.48 2.16 16.01
N ALA A 117 8.50 3.01 15.86
CA ALA A 117 9.74 2.63 15.19
C ALA A 117 10.33 1.30 15.66
N GLY A 118 10.67 0.44 14.73
CA GLY A 118 11.31 -0.81 15.08
C GLY A 118 10.40 -1.99 15.41
N THR A 119 9.07 -1.81 15.35
CA THR A 119 8.16 -2.88 15.78
C THR A 119 8.13 -4.00 14.75
N ILE A 120 8.43 -5.22 15.13
CA ILE A 120 8.36 -6.40 14.27
C ILE A 120 7.11 -7.19 14.73
N LEU A 121 6.26 -7.69 13.82
CA LEU A 121 5.08 -8.47 14.20
C LEU A 121 5.46 -9.92 14.36
N ALA A 122 4.82 -10.59 15.33
CA ALA A 122 5.09 -12.00 15.52
C ALA A 122 4.57 -12.74 14.30
N ASN A 123 5.06 -13.96 14.04
CA ASN A 123 4.62 -14.76 12.92
C ASN A 123 3.14 -15.03 13.09
N ASN A 124 2.52 -15.03 11.92
CA ASN A 124 1.10 -15.27 11.83
C ASN A 124 0.22 -14.20 12.49
N SER A 125 0.67 -12.94 12.43
CA SER A 125 -0.13 -11.80 12.90
C SER A 125 -1.26 -11.41 11.96
N PRO A 126 -2.46 -11.07 12.51
CA PRO A 126 -3.67 -10.79 11.73
C PRO A 126 -3.62 -9.44 11.02
N CYS A 127 -3.56 -9.55 9.69
CA CYS A 127 -3.44 -8.34 8.89
C CYS A 127 -4.40 -8.45 7.73
N TYR A 128 -4.73 -7.29 7.21
CA TYR A 128 -5.57 -7.11 6.02
C TYR A 128 -4.92 -6.20 4.97
N ILE A 129 -5.04 -6.59 3.69
CA ILE A 129 -4.55 -5.81 2.58
C ILE A 129 -5.81 -5.32 1.95
N THR A 130 -5.75 -4.06 1.54
CA THR A 130 -6.90 -3.44 0.89
C THR A 130 -6.44 -2.83 -0.41
N GLY A 131 -7.35 -2.76 -1.38
CA GLY A 131 -6.95 -2.16 -2.63
C GLY A 131 -7.92 -2.45 -3.78
N TRP A 132 -7.68 -1.69 -4.87
CA TRP A 132 -8.44 -1.77 -6.11
C TRP A 132 -7.72 -2.52 -7.24
N GLY A 133 -6.58 -3.17 -6.98
CA GLY A 133 -5.84 -3.88 -8.00
C GLY A 133 -6.51 -5.13 -8.52
N LEU A 134 -5.83 -5.79 -9.44
CA LEU A 134 -6.25 -7.01 -10.11
C LEU A 134 -6.78 -8.06 -9.18
N THR A 135 -7.97 -8.59 -9.56
CA THR A 135 -8.64 -9.61 -8.78
C THR A 135 -8.24 -11.01 -9.17
N ARG A 136 -7.55 -11.12 -10.31
CA ARG A 136 -6.90 -12.36 -10.72
C ARG A 136 -5.55 -11.97 -11.27
N THR A 137 -4.62 -12.93 -11.31
CA THR A 137 -3.40 -12.73 -12.04
C THR A 137 -3.78 -12.47 -13.52
N ASN A 138 -3.24 -11.38 -14.10
CA ASN A 138 -3.54 -10.93 -15.50
C ASN A 138 -5.01 -10.68 -15.80
N GLY A 139 -5.72 -10.31 -14.72
CA GLY A 139 -7.13 -10.04 -14.74
C GLY A 139 -7.37 -8.55 -14.87
N GLN A 140 -8.42 -8.07 -14.22
CA GLN A 140 -8.63 -6.63 -14.25
C GLN A 140 -8.76 -5.97 -12.88
N LEU A 141 -8.52 -4.65 -12.83
CA LEU A 141 -8.80 -3.87 -11.62
C LEU A 141 -10.16 -4.11 -11.02
N ALA A 142 -10.31 -4.14 -9.72
CA ALA A 142 -11.62 -4.26 -9.06
C ALA A 142 -12.36 -2.92 -9.18
N GLN A 143 -13.70 -2.80 -9.24
CA GLN A 143 -14.16 -1.40 -9.17
C GLN A 143 -14.55 -0.98 -7.76
N THR A 144 -14.73 -1.90 -6.82
CA THR A 144 -14.88 -1.54 -5.43
C THR A 144 -13.67 -2.04 -4.62
N LEU A 145 -13.35 -1.28 -3.54
CA LEU A 145 -12.26 -1.62 -2.66
C LEU A 145 -12.48 -3.02 -2.09
N GLN A 146 -11.41 -3.83 -2.18
CA GLN A 146 -11.42 -5.20 -1.75
C GLN A 146 -10.56 -5.33 -0.55
N GLN A 147 -10.82 -6.34 0.27
CA GLN A 147 -9.92 -6.63 1.37
C GLN A 147 -9.59 -8.09 1.46
N ALA A 148 -8.41 -8.45 1.92
CA ALA A 148 -8.11 -9.85 2.07
C ALA A 148 -7.40 -10.04 3.41
N TYR A 149 -7.71 -11.11 4.16
CA TYR A 149 -7.05 -11.47 5.42
C TYR A 149 -5.75 -12.14 4.97
N LEU A 150 -4.63 -11.53 5.37
CA LEU A 150 -3.28 -11.90 4.99
C LEU A 150 -2.45 -11.92 6.28
N PRO A 151 -2.36 -12.95 7.12
CA PRO A 151 -1.40 -13.07 8.21
C PRO A 151 0.04 -12.95 7.79
N THR A 152 0.86 -12.33 8.62
CA THR A 152 2.27 -12.18 8.32
C THR A 152 3.02 -13.54 8.33
N VAL A 153 4.08 -13.60 7.53
CA VAL A 153 5.02 -14.69 7.47
C VAL A 153 6.27 -14.01 7.98
N ASP A 154 6.78 -14.22 9.21
CA ASP A 154 7.97 -13.51 9.67
C ASP A 154 9.24 -13.75 8.86
N TYR A 155 10.23 -12.88 9.00
CA TYR A 155 11.44 -12.92 8.22
C TYR A 155 12.16 -14.26 8.09
N ALA A 156 12.34 -15.06 9.16
CA ALA A 156 13.04 -16.35 9.08
C ALA A 156 12.42 -17.32 8.08
N ILE A 157 11.10 -17.40 8.16
CA ILE A 157 10.31 -18.24 7.28
C ILE A 157 10.29 -17.69 5.84
N CYS A 158 10.16 -16.39 5.73
CA CYS A 158 10.01 -15.77 4.43
C CYS A 158 11.35 -15.75 3.67
N SER A 159 12.46 -15.75 4.41
CA SER A 159 13.72 -15.66 3.71
C SER A 159 14.34 -17.04 3.55
N SER A 160 13.56 -18.05 3.82
CA SER A 160 14.04 -19.38 3.72
C SER A 160 13.97 -19.74 2.25
N SER A 161 14.69 -20.78 1.90
CA SER A 161 14.76 -21.37 0.57
C SER A 161 13.48 -21.49 -0.22
N SER A 162 12.51 -22.11 0.44
CA SER A 162 11.20 -22.44 -0.13
C SER A 162 10.35 -21.28 -0.62
N TYR A 163 10.52 -20.17 0.15
CA TYR A 163 9.79 -18.90 0.03
C TYR A 163 10.46 -17.84 -0.83
N TRP A 164 10.84 -16.67 -0.30
CA TRP A 164 11.40 -15.66 -1.16
C TRP A 164 12.91 -15.72 -1.16
N GLY A 165 13.46 -16.52 -0.24
CA GLY A 165 14.91 -16.60 -0.06
C GLY A 165 15.54 -15.23 0.25
N SER A 166 16.59 -14.99 -0.53
CA SER A 166 17.42 -13.81 -0.50
C SER A 166 16.75 -12.56 -0.99
N THR A 167 15.70 -12.63 -1.80
CA THR A 167 14.97 -11.48 -2.31
C THR A 167 14.31 -10.64 -1.20
N VAL A 168 13.87 -11.24 -0.08
CA VAL A 168 13.27 -10.47 1.03
C VAL A 168 14.33 -10.03 2.01
N LYS A 169 14.17 -8.84 2.52
CA LYS A 169 15.17 -8.28 3.43
C LYS A 169 14.46 -8.00 4.75
N ASN A 170 15.20 -7.68 5.81
CA ASN A 170 14.60 -7.43 7.10
C ASN A 170 13.83 -6.10 7.19
N SER A 171 13.92 -5.26 6.16
CA SER A 171 13.20 -4.02 5.99
C SER A 171 11.85 -4.20 5.31
N MET A 172 11.43 -5.48 5.22
CA MET A 172 10.19 -5.86 4.53
C MET A 172 9.35 -6.74 5.46
N VAL A 173 8.03 -6.71 5.19
CA VAL A 173 7.06 -7.59 5.82
C VAL A 173 6.57 -8.50 4.73
N CYS A 174 6.45 -9.78 5.07
CA CYS A 174 5.78 -10.73 4.19
C CYS A 174 4.42 -11.05 4.75
N ALA A 175 3.41 -11.11 3.91
CA ALA A 175 2.11 -11.47 4.39
C ALA A 175 1.40 -12.26 3.32
N GLY A 176 0.70 -13.32 3.76
CA GLY A 176 -0.07 -14.17 2.86
C GLY A 176 0.68 -15.40 2.44
N GLY A 177 0.69 -15.63 1.13
CA GLY A 177 1.38 -16.75 0.57
C GLY A 177 0.58 -18.03 0.54
N ASP A 178 -0.73 -18.05 0.75
CA ASP A 178 -1.47 -19.30 0.78
C ASP A 178 -1.90 -19.88 -0.58
N GLY A 179 -1.53 -19.17 -1.65
CA GLY A 179 -1.92 -19.49 -3.01
C GLY A 179 -3.35 -19.11 -3.37
N VAL A 180 -4.13 -18.54 -2.47
CA VAL A 180 -5.54 -18.19 -2.67
C VAL A 180 -5.75 -16.68 -2.60
N ARG A 181 -5.21 -15.99 -1.61
CA ARG A 181 -5.48 -14.56 -1.39
C ARG A 181 -4.19 -13.86 -1.59
N SER A 182 -4.19 -12.66 -2.13
CA SER A 182 -2.92 -11.95 -2.31
C SER A 182 -3.16 -10.52 -2.77
N GLY A 183 -2.06 -9.76 -2.65
CA GLY A 183 -2.02 -8.48 -3.33
C GLY A 183 -1.75 -8.76 -4.82
N CYS A 184 -2.09 -7.84 -5.72
CA CYS A 184 -1.84 -8.02 -7.15
C CYS A 184 -1.64 -6.60 -7.71
N GLN A 185 -1.23 -6.49 -8.97
CA GLN A 185 -1.01 -5.25 -9.64
C GLN A 185 -2.09 -4.21 -9.46
N GLY A 186 -1.68 -2.98 -9.09
CA GLY A 186 -2.65 -1.93 -8.79
C GLY A 186 -2.93 -1.78 -7.29
N ASP A 187 -2.50 -2.74 -6.48
CA ASP A 187 -2.57 -2.63 -5.03
C ASP A 187 -1.26 -2.09 -4.49
N SER A 188 -0.21 -1.97 -5.32
CA SER A 188 1.08 -1.41 -4.94
C SER A 188 1.01 -0.07 -4.26
N GLY A 189 1.77 0.17 -3.21
CA GLY A 189 1.68 1.46 -2.53
C GLY A 189 0.68 1.53 -1.36
N GLY A 190 -0.26 0.58 -1.43
CA GLY A 190 -1.38 0.47 -0.51
C GLY A 190 -1.00 0.02 0.88
N PRO A 191 -1.91 0.06 1.85
CA PRO A 191 -1.70 -0.46 3.21
C PRO A 191 -1.85 -1.94 3.49
N LEU A 192 -1.04 -2.46 4.41
CA LEU A 192 -1.27 -3.75 5.04
C LEU A 192 -1.57 -3.26 6.47
N HIS A 193 -2.81 -3.44 6.91
CA HIS A 193 -3.30 -2.99 8.21
C HIS A 193 -3.26 -4.18 9.14
N CYS A 194 -2.66 -4.02 10.33
CA CYS A 194 -2.50 -5.11 11.24
C CYS A 194 -3.02 -4.69 12.58
N LEU A 195 -3.79 -5.59 13.19
CA LEU A 195 -4.47 -5.27 14.44
C LEU A 195 -3.47 -5.36 15.57
N VAL A 196 -3.20 -4.31 16.31
CA VAL A 196 -2.16 -4.23 17.31
C VAL A 196 -2.67 -3.51 18.55
N ASN A 197 -2.64 -4.25 19.67
CA ASN A 197 -3.20 -3.76 20.94
C ASN A 197 -4.59 -3.11 20.80
N GLY A 198 -5.43 -3.79 20.00
CA GLY A 198 -6.82 -3.45 19.76
C GLY A 198 -7.07 -2.34 18.75
N GLN A 199 -5.97 -1.89 18.08
CA GLN A 199 -5.94 -0.76 17.15
C GLN A 199 -5.46 -1.16 15.76
N TYR A 200 -6.06 -0.93 14.60
CA TYR A 200 -5.38 -1.26 13.34
C TYR A 200 -4.26 -0.25 13.07
N ALA A 201 -3.09 -0.73 12.64
CA ALA A 201 -1.98 0.12 12.28
C ALA A 201 -1.45 -0.32 10.92
N VAL A 202 -0.92 0.65 10.16
CA VAL A 202 -0.38 0.42 8.81
C VAL A 202 1.10 -0.03 8.95
N HIS A 203 1.35 -1.34 8.83
CA HIS A 203 2.66 -1.98 8.98
C HIS A 203 3.37 -2.26 7.66
N GLY A 204 2.60 -2.34 6.57
CA GLY A 204 3.25 -2.56 5.26
C GLY A 204 2.85 -1.51 4.27
N VAL A 205 3.66 -1.21 3.28
CA VAL A 205 3.28 -0.48 2.08
C VAL A 205 3.41 -1.55 0.95
N THR A 206 2.41 -1.91 0.11
CA THR A 206 2.59 -3.02 -0.85
C THR A 206 3.67 -2.76 -1.92
N SER A 207 4.54 -3.73 -2.08
CA SER A 207 5.71 -3.56 -2.94
C SER A 207 5.79 -4.55 -4.09
N PHE A 208 5.80 -5.87 -3.84
CA PHE A 208 5.85 -6.77 -4.98
C PHE A 208 5.17 -8.09 -4.73
N VAL A 209 4.92 -8.82 -5.80
CA VAL A 209 4.52 -10.22 -5.68
C VAL A 209 5.44 -10.94 -6.66
N SER A 210 5.21 -12.20 -6.87
CA SER A 210 6.00 -13.03 -7.78
C SER A 210 5.71 -12.70 -9.22
N ARG A 211 6.76 -12.90 -10.00
CA ARG A 211 6.85 -12.76 -11.47
C ARG A 211 5.97 -13.83 -12.15
N LEU A 212 5.75 -14.94 -11.43
CA LEU A 212 4.94 -16.07 -11.83
C LEU A 212 3.45 -15.85 -11.67
N GLY A 213 3.03 -14.97 -10.78
CA GLY A 213 1.59 -14.79 -10.50
C GLY A 213 1.44 -14.10 -9.16
N CYS A 214 0.27 -13.48 -8.99
CA CYS A 214 -0.08 -12.85 -7.73
C CYS A 214 -0.26 -13.78 -6.53
N ASN A 215 -1.19 -14.75 -6.61
CA ASN A 215 -1.53 -15.75 -5.60
C ASN A 215 -0.81 -17.04 -5.89
N VAL A 216 0.37 -17.10 -5.30
CA VAL A 216 1.25 -18.25 -5.49
C VAL A 216 1.61 -18.78 -4.08
N THR A 217 1.33 -20.09 -3.82
CA THR A 217 1.71 -20.74 -2.56
C THR A 217 3.22 -20.60 -2.38
N ARG A 218 3.52 -20.19 -1.14
CA ARG A 218 4.85 -19.87 -0.63
C ARG A 218 5.55 -18.62 -1.20
N LYS A 219 4.84 -17.79 -1.96
CA LYS A 219 5.40 -16.51 -2.38
C LYS A 219 4.50 -15.40 -1.84
N PRO A 220 4.52 -15.09 -0.53
CA PRO A 220 3.77 -14.03 0.10
C PRO A 220 3.87 -12.74 -0.66
N THR A 221 2.89 -11.90 -0.41
CA THR A 221 2.95 -10.54 -0.90
C THR A 221 4.01 -9.85 -0.06
N VAL A 222 4.77 -8.96 -0.67
CA VAL A 222 5.87 -8.36 0.05
C VAL A 222 5.60 -6.86 0.24
N PHE A 223 5.90 -6.35 1.44
CA PHE A 223 5.62 -5.00 1.80
C PHE A 223 6.84 -4.28 2.36
N THR A 224 6.98 -2.96 2.18
CA THR A 224 8.04 -2.18 2.80
C THR A 224 7.60 -2.17 4.29
N ARG A 225 8.45 -2.57 5.25
CA ARG A 225 8.13 -2.49 6.69
C ARG A 225 8.20 -1.01 7.11
N VAL A 226 7.00 -0.42 7.32
CA VAL A 226 6.80 0.98 7.64
C VAL A 226 7.55 1.37 8.90
N SER A 227 7.70 0.46 9.85
CA SER A 227 8.35 0.79 11.12
C SER A 227 9.85 0.90 11.02
N ALA A 228 10.34 0.47 9.86
CA ALA A 228 11.73 0.67 9.56
C ALA A 228 11.96 2.06 9.02
N TYR A 229 10.90 2.81 8.66
CA TYR A 229 11.04 4.12 8.08
C TYR A 229 10.46 5.30 8.81
N ILE A 230 10.11 5.13 10.08
CA ILE A 230 9.52 6.20 10.88
C ILE A 230 10.41 7.46 11.03
N SER A 231 11.73 7.38 11.33
CA SER A 231 12.52 8.61 11.42
C SER A 231 12.66 9.35 10.09
N TRP A 232 12.70 8.63 8.95
CA TRP A 232 12.81 9.23 7.63
C TRP A 232 11.50 9.96 7.31
N ILE A 233 10.34 9.31 7.61
CA ILE A 233 9.03 9.87 7.35
C ILE A 233 8.90 11.17 8.13
N ASN A 234 9.17 11.15 9.42
CA ASN A 234 9.03 12.34 10.23
C ASN A 234 9.93 13.48 9.79
N ASN A 235 11.12 13.10 9.36
CA ASN A 235 12.15 14.03 8.98
C ASN A 235 11.81 14.76 7.71
N VAL A 236 11.09 14.06 6.85
CA VAL A 236 10.61 14.65 5.60
C VAL A 236 9.46 15.63 5.85
N ILE A 237 8.48 15.27 6.65
CA ILE A 237 7.31 16.09 6.92
C ILE A 237 7.65 17.37 7.72
N ALA A 238 8.69 17.26 8.54
CA ALA A 238 9.17 18.37 9.36
C ALA A 238 9.82 19.43 8.46
N SER A 239 10.72 19.00 7.57
CA SER A 239 11.41 19.91 6.68
C SER A 239 10.53 20.51 5.57
N ASN A 240 9.78 19.63 4.88
CA ASN A 240 8.85 19.94 3.79
C ASN A 240 7.47 20.38 4.28
C1 0Z3 B . 4.00 -2.32 -10.05
C2 0Z3 B . 2.39 -2.15 -9.90
O 0Z3 B . 4.65 -1.68 -10.91
F1 0Z3 B . 1.89 -1.03 -9.36
F2 0Z3 B . 1.78 -2.21 -11.12
F3 0Z3 B . 1.80 -3.15 -9.18
N 0Z3 B . 4.74 -3.05 -9.15
CA 0Z3 B . 6.12 -3.57 -9.36
C 0Z3 B . 6.09 -4.88 -8.57
O1 0Z3 B . 6.80 -5.17 -7.63
CB 0Z3 B . 7.30 -2.77 -8.78
CG 0Z3 B . 8.27 -2.43 -9.92
CD 0Z3 B . 9.57 -1.84 -9.39
CE 0Z3 B . 10.41 -1.19 -10.50
NZ 0Z3 B . 9.87 0.09 -10.91
N1 0Z3 B . 5.26 -5.71 -9.21
CA1 0Z3 B . 4.64 -6.89 -8.68
C3 0Z3 B . 5.00 -8.22 -9.36
O2 0Z3 B . 6.17 -8.67 -9.27
CB1 0Z3 B . 3.21 -6.43 -8.81
CG1 0Z3 B . 2.57 -6.21 -7.49
CD1 0Z3 B . 3.03 -5.24 -6.64
CD2 0Z3 B . 1.52 -7.03 -7.14
CE1 0Z3 B . 2.43 -5.07 -5.40
CE2 0Z3 B . 0.93 -6.87 -5.90
CZ 0Z3 B . 1.38 -5.89 -5.05
C11 0Z3 B . 3.75 -9.81 -10.73
N11 0Z3 B . 3.85 -8.80 -9.83
C21 0Z3 B . 4.61 -9.85 -11.83
C31 0Z3 B . 4.34 -10.72 -12.88
C4 0Z3 B . 3.22 -11.57 -12.85
C5 0Z3 B . 2.37 -11.53 -11.74
C6 0Z3 B . 2.63 -10.66 -10.69
C1' 0Z3 B . 2.96 -12.47 -14.08
C2' 0Z3 B . 2.85 -11.56 -15.31
C3' 0Z3 B . 1.75 -13.36 -13.87
CA CA C . -16.03 6.88 -7.16
#